data_5HRW
#
_entry.id   5HRW
#
_cell.length_a   41.111
_cell.length_b   59.101
_cell.length_c   105.485
_cell.angle_alpha   90.00
_cell.angle_beta   90.00
_cell.angle_gamma   90.00
#
_symmetry.space_group_name_H-M   'P 21 21 21'
#
loop_
_entity.id
_entity.type
_entity.pdbx_description
1 polymer 'Protein polybromo-1'
2 non-polymer 1-propylisochromeno[3,4-c]pyrazol-5(3H)-one
3 non-polymer 1,2-ETHANEDIOL
4 non-polymer 'SULFATE ION'
5 water water
#
_entity_poly.entity_id   1
_entity_poly.type   'polypeptide(L)'
_entity_poly.pdbx_seq_one_letter_code
;SMSGISPKKSKYMTPMQQKLNEVYEAVKNYTDKRGRRLSAIFLRLPSRSELPDYYLTIKKPMDMEKIRSHMMANKYQDID
SMVEDFVMMFNNACTYNEPESLIYKDALVLHKVLLETRRDLEGD
;
_entity_poly.pdbx_strand_id   A,B
#
loop_
_chem_comp.id
_chem_comp.type
_chem_comp.name
_chem_comp.formula
64E non-polymer 1-propylisochromeno[3,4-c]pyrazol-5(3H)-one 'C13 H12 N2 O2'
EDO non-polymer 1,2-ETHANEDIOL 'C2 H6 O2'
SO4 non-polymer 'SULFATE ION' 'O4 S -2'
#
# COMPACT_ATOMS: atom_id res chain seq x y z
N TYR A 12 30.12 -3.30 1.63
CA TYR A 12 29.66 -1.94 1.23
C TYR A 12 28.91 -1.06 2.34
N MET A 13 27.83 -1.48 3.06
CA MET A 13 27.33 -0.59 4.17
C MET A 13 28.22 -0.45 5.44
N THR A 14 28.35 0.77 5.99
CA THR A 14 28.86 0.99 7.36
C THR A 14 27.94 0.36 8.43
N PRO A 15 28.46 0.10 9.68
CA PRO A 15 27.51 -0.34 10.77
C PRO A 15 26.29 0.58 10.99
N MET A 16 26.46 1.90 11.03
CA MET A 16 25.34 2.80 11.31
C MET A 16 24.31 2.82 10.15
N GLN A 17 24.78 2.75 8.92
CA GLN A 17 23.93 2.69 7.71
C GLN A 17 23.17 1.41 7.72
N GLN A 18 23.88 0.35 8.09
CA GLN A 18 23.28 -0.94 8.10
C GLN A 18 22.13 -1.00 9.17
N LYS A 19 22.38 -0.45 10.37
CA LYS A 19 21.36 -0.37 11.43
C LYS A 19 20.15 0.46 10.95
N LEU A 20 20.42 1.59 10.31
CA LEU A 20 19.35 2.42 9.75
C LEU A 20 18.49 1.64 8.77
N ASN A 21 19.17 0.96 7.84
CA ASN A 21 18.48 0.12 6.88
C ASN A 21 17.68 -1.02 7.47
N GLU A 22 18.23 -1.64 8.50
CA GLU A 22 17.55 -2.72 9.16
C GLU A 22 16.24 -2.20 9.80
N VAL A 23 16.26 -1.02 10.41
CA VAL A 23 15.04 -0.47 11.08
C VAL A 23 14.01 -0.12 9.97
N TYR A 24 14.48 0.50 8.90
CA TYR A 24 13.55 0.87 7.81
C TYR A 24 12.92 -0.38 7.18
N GLU A 25 13.73 -1.38 6.83
CA GLU A 25 13.23 -2.59 6.20
C GLU A 25 12.34 -3.41 7.10
N ALA A 26 12.62 -3.45 8.41
CA ALA A 26 11.75 -4.17 9.32
C ALA A 26 10.32 -3.66 9.25
N VAL A 27 10.19 -2.34 9.25
CA VAL A 27 8.87 -1.74 9.18
C VAL A 27 8.29 -1.91 7.77
N LYS A 28 9.09 -1.61 6.76
CA LYS A 28 8.60 -1.77 5.37
C LYS A 28 8.13 -3.17 5.02
N ASN A 29 8.90 -4.21 5.41
CA ASN A 29 8.65 -5.57 4.96
C ASN A 29 7.70 -6.36 5.81
N TYR A 30 7.31 -5.84 6.98
CA TYR A 30 6.42 -6.60 7.85
C TYR A 30 5.18 -7.05 7.13
N THR A 31 4.86 -8.33 7.27
CA THR A 31 3.57 -8.81 6.80
C THR A 31 2.85 -9.55 7.87
N ASP A 32 1.54 -9.41 7.92
CA ASP A 32 0.75 -10.16 8.88
C ASP A 32 0.56 -11.62 8.39
N LYS A 33 -0.16 -12.43 9.17
CA LYS A 33 -0.30 -13.86 8.87
C LYS A 33 -1.08 -14.12 7.57
N ARG A 34 -1.90 -13.17 7.13
CA ARG A 34 -2.57 -13.26 5.81
C ARG A 34 -1.79 -12.79 4.57
N GLY A 35 -0.52 -12.41 4.71
CA GLY A 35 0.30 -11.87 3.64
C GLY A 35 0.06 -10.36 3.38
N ARG A 36 -0.65 -9.66 4.28
CA ARG A 36 -0.87 -8.20 4.06
C ARG A 36 0.32 -7.36 4.51
N ARG A 37 0.85 -6.52 3.62
CA ARG A 37 2.00 -5.70 3.95
C ARG A 37 1.47 -4.41 4.57
N LEU A 38 1.58 -4.28 5.92
CA LEU A 38 0.97 -3.15 6.64
C LEU A 38 1.53 -1.76 6.16
N SER A 39 2.79 -1.72 5.71
CA SER A 39 3.42 -0.47 5.34
C SER A 39 2.86 0.17 4.06
N ALA A 40 2.12 -0.61 3.26
CA ALA A 40 1.79 -0.22 1.88
C ALA A 40 1.25 1.19 1.81
N ILE A 41 0.25 1.47 2.64
CA ILE A 41 -0.38 2.82 2.61
C ILE A 41 0.40 3.95 3.26
N PHE A 42 1.46 3.62 4.00
CA PHE A 42 2.32 4.57 4.68
C PHE A 42 3.50 5.09 3.80
N LEU A 43 3.72 4.48 2.65
CA LEU A 43 4.83 4.84 1.77
C LEU A 43 4.77 6.31 1.33
N ARG A 44 3.63 6.76 0.82
CA ARG A 44 3.51 8.08 0.25
C ARG A 44 2.15 8.72 0.60
N LEU A 45 2.20 9.82 1.30
CA LEU A 45 1.00 10.65 1.56
C LEU A 45 0.33 11.10 0.26
N PRO A 46 -1.01 11.03 0.22
CA PRO A 46 -1.71 11.68 -0.89
C PRO A 46 -1.55 13.22 -0.85
N SER A 47 -2.00 13.89 -1.92
CA SER A 47 -1.81 15.34 -2.04
C SER A 47 -2.71 16.10 -1.06
N ARG A 48 -2.51 17.40 -0.97
CA ARG A 48 -3.42 18.25 -0.19
C ARG A 48 -4.86 18.27 -0.69
N SER A 49 -5.07 18.08 -1.99
CA SER A 49 -6.46 18.02 -2.48
C SER A 49 -7.10 16.69 -2.27
N GLU A 50 -6.27 15.64 -2.19
CA GLU A 50 -6.75 14.24 -2.00
C GLU A 50 -7.06 13.87 -0.54
N LEU A 51 -6.35 14.46 0.42
CA LEU A 51 -6.52 14.13 1.83
C LEU A 51 -6.46 15.41 2.63
N PRO A 52 -7.32 16.37 2.27
CA PRO A 52 -7.19 17.65 2.95
C PRO A 52 -7.31 17.61 4.48
N ASP A 53 -8.15 16.75 5.03
CA ASP A 53 -8.41 16.71 6.45
C ASP A 53 -7.17 16.28 7.24
N TYR A 54 -6.29 15.48 6.63
CA TYR A 54 -5.02 15.13 7.27
C TYR A 54 -4.16 16.38 7.43
N TYR A 55 -4.03 17.18 6.37
CA TYR A 55 -3.23 18.39 6.43
C TYR A 55 -3.83 19.52 7.33
N LEU A 56 -5.13 19.50 7.54
CA LEU A 56 -5.74 20.37 8.56
C LEU A 56 -5.44 19.95 9.98
N THR A 57 -5.15 18.66 10.18
CA THR A 57 -5.11 18.04 11.51
C THR A 57 -3.65 17.91 11.99
N ILE A 58 -2.68 17.79 11.05
CA ILE A 58 -1.31 17.32 11.38
C ILE A 58 -0.31 18.45 11.07
N LYS A 59 0.44 18.83 12.09
CA LYS A 59 1.40 19.94 12.07
C LYS A 59 2.61 19.55 11.22
N LYS A 60 3.09 18.30 11.34
CA LYS A 60 4.29 17.85 10.64
C LYS A 60 4.04 16.57 9.85
N PRO A 61 3.68 16.73 8.57
CA PRO A 61 3.43 15.57 7.70
C PRO A 61 4.67 14.66 7.61
N MET A 62 4.43 13.34 7.58
CA MET A 62 5.52 12.38 7.45
C MET A 62 5.01 11.15 6.67
N ASP A 63 5.85 10.58 5.82
CA ASP A 63 5.60 9.28 5.18
C ASP A 63 6.92 8.51 5.05
N MET A 64 6.85 7.24 4.63
CA MET A 64 8.06 6.42 4.62
C MET A 64 8.99 6.86 3.49
N GLU A 65 8.45 7.42 2.42
CA GLU A 65 9.35 7.91 1.32
C GLU A 65 10.23 9.04 1.81
N LYS A 66 9.72 9.92 2.66
CA LYS A 66 10.48 11.02 3.27
C LYS A 66 11.64 10.49 4.18
N ILE A 67 11.31 9.48 4.96
CA ILE A 67 12.30 8.78 5.81
C ILE A 67 13.33 8.08 4.95
N ARG A 68 12.90 7.32 3.96
CA ARG A 68 13.80 6.63 3.02
C ARG A 68 14.76 7.59 2.30
N SER A 69 14.24 8.73 1.83
CA SER A 69 15.13 9.79 1.24
C SER A 69 16.18 10.38 2.19
N HIS A 70 15.74 10.71 3.40
CA HIS A 70 16.63 11.19 4.44
C HIS A 70 17.71 10.13 4.72
N MET A 71 17.28 8.87 4.85
CA MET A 71 18.22 7.74 5.02
C MET A 71 19.21 7.63 3.85
N MET A 72 18.66 7.68 2.64
CA MET A 72 19.51 7.53 1.50
C MET A 72 20.43 8.68 1.10
N ALA A 73 20.15 9.88 1.60
CA ALA A 73 21.10 10.97 1.53
C ALA A 73 22.09 10.91 2.64
N ASN A 74 22.15 9.81 3.40
CA ASN A 74 23.03 9.71 4.56
C ASN A 74 22.88 10.89 5.53
N LYS A 75 21.64 11.36 5.72
CA LYS A 75 21.31 12.22 6.85
C LYS A 75 20.85 11.16 7.91
N TYR A 76 20.34 11.53 9.07
CA TYR A 76 20.29 10.61 10.19
C TYR A 76 21.74 10.33 10.65
N GLN A 77 22.06 10.96 11.76
CA GLN A 77 23.35 10.83 12.42
C GLN A 77 23.32 9.68 13.43
N ASP A 78 22.12 9.23 13.80
CA ASP A 78 21.96 8.09 14.69
C ASP A 78 20.61 7.41 14.49
N ILE A 79 20.49 6.24 15.06
CA ILE A 79 19.33 5.43 14.87
C ILE A 79 18.06 6.03 15.47
N ASP A 80 18.18 6.68 16.63
CA ASP A 80 16.98 7.18 17.29
C ASP A 80 16.31 8.38 16.60
N SER A 81 17.05 9.09 15.76
CA SER A 81 16.44 10.11 14.86
C SER A 81 15.42 9.50 13.87
N MET A 82 15.79 8.37 13.30
CA MET A 82 14.94 7.65 12.37
C MET A 82 13.78 7.05 13.15
N VAL A 83 14.04 6.43 14.32
CA VAL A 83 12.92 5.98 15.18
C VAL A 83 11.91 7.10 15.50
N GLU A 84 12.39 8.29 15.86
CA GLU A 84 11.51 9.42 16.23
C GLU A 84 10.68 9.82 14.98
N ASP A 85 11.25 9.79 13.78
CA ASP A 85 10.43 10.10 12.56
C ASP A 85 9.35 9.03 12.33
N PHE A 86 9.68 7.74 12.51
CA PHE A 86 8.61 6.70 12.42
C PHE A 86 7.54 6.93 13.50
N VAL A 87 7.97 7.24 14.73
CA VAL A 87 7.00 7.45 15.84
C VAL A 87 6.09 8.64 15.52
N MET A 88 6.64 9.70 14.98
CA MET A 88 5.77 10.85 14.60
C MET A 88 4.76 10.44 13.55
N MET A 89 5.21 9.68 12.55
CA MET A 89 4.32 9.15 11.51
C MET A 89 3.15 8.33 12.08
N PHE A 90 3.45 7.36 12.92
CA PHE A 90 2.36 6.61 13.55
C PHE A 90 1.48 7.41 14.52
N ASN A 91 2.07 8.32 15.30
CA ASN A 91 1.30 9.25 16.12
C ASN A 91 0.42 10.11 15.23
N ASN A 92 0.95 10.65 14.13
CA ASN A 92 0.09 11.35 13.15
C ASN A 92 -1.11 10.50 12.70
N ALA A 93 -0.86 9.28 12.26
CA ALA A 93 -1.93 8.38 11.76
C ALA A 93 -3.02 8.17 12.83
N CYS A 94 -2.59 8.01 14.09
CA CYS A 94 -3.51 7.77 15.20
C CYS A 94 -4.15 9.08 15.73
N THR A 95 -3.63 10.25 15.38
CA THR A 95 -4.30 11.54 15.71
C THR A 95 -5.40 11.85 14.72
N TYR A 96 -5.06 11.69 13.44
CA TYR A 96 -5.98 11.97 12.32
C TYR A 96 -7.08 10.92 12.23
N ASN A 97 -6.77 9.62 12.29
CA ASN A 97 -7.75 8.57 12.17
C ASN A 97 -8.39 8.15 13.48
N GLU A 98 -9.58 7.56 13.37
CA GLU A 98 -10.28 7.06 14.55
C GLU A 98 -9.78 5.69 14.94
N PRO A 99 -9.87 5.39 16.26
CA PRO A 99 -9.39 4.05 16.69
C PRO A 99 -10.02 2.87 15.99
N GLU A 100 -11.26 3.04 15.51
CA GLU A 100 -11.99 1.97 14.81
C GLU A 100 -11.45 1.67 13.41
N SER A 101 -10.67 2.59 12.82
CA SER A 101 -10.20 2.42 11.46
C SER A 101 -9.04 1.42 11.36
N LEU A 102 -8.93 0.83 10.19
CA LEU A 102 -7.84 -0.13 9.96
C LEU A 102 -6.47 0.50 9.95
N ILE A 103 -6.32 1.69 9.38
CA ILE A 103 -5.02 2.33 9.35
C ILE A 103 -4.47 2.59 10.79
N TYR A 104 -5.38 2.95 11.70
CA TYR A 104 -5.06 3.24 13.08
C TYR A 104 -4.46 1.96 13.73
N LYS A 105 -5.17 0.83 13.54
CA LYS A 105 -4.73 -0.46 14.08
C LYS A 105 -3.38 -0.89 13.47
N ASP A 106 -3.24 -0.68 12.16
CA ASP A 106 -2.00 -0.94 11.47
C ASP A 106 -0.82 -0.11 11.99
N ALA A 107 -1.05 1.17 12.30
CA ALA A 107 -0.05 2.04 12.88
C ALA A 107 0.42 1.49 14.24
N LEU A 108 -0.52 1.01 15.04
CA LEU A 108 -0.15 0.40 16.31
C LEU A 108 0.72 -0.81 16.18
N VAL A 109 0.39 -1.70 15.25
CA VAL A 109 1.19 -2.89 14.99
C VAL A 109 2.59 -2.52 14.51
N LEU A 110 2.68 -1.61 13.52
CA LEU A 110 3.99 -1.21 13.01
C LEU A 110 4.85 -0.50 14.04
N HIS A 111 4.21 0.24 14.93
CA HIS A 111 4.93 0.93 16.02
C HIS A 111 5.61 -0.15 16.90
N LYS A 112 4.89 -1.24 17.25
CA LYS A 112 5.44 -2.36 18.01
C LYS A 112 6.62 -3.02 17.27
N VAL A 113 6.48 -3.25 15.98
CA VAL A 113 7.52 -3.82 15.14
C VAL A 113 8.75 -2.92 15.14
N LEU A 114 8.53 -1.61 14.98
CA LEU A 114 9.63 -0.63 15.06
C LEU A 114 10.42 -0.75 16.39
N LEU A 115 9.68 -0.77 17.50
CA LEU A 115 10.34 -0.83 18.83
C LEU A 115 11.06 -2.16 19.08
N GLU A 116 10.50 -3.25 18.60
CA GLU A 116 11.17 -4.58 18.72
C GLU A 116 12.48 -4.59 18.02
N THR A 117 12.49 -4.03 16.82
CA THR A 117 13.73 -3.89 16.07
C THR A 117 14.77 -3.02 16.77
N ARG A 118 14.34 -1.85 17.26
CA ARG A 118 15.22 -0.96 17.97
C ARG A 118 15.83 -1.62 19.24
N ARG A 119 15.01 -2.36 19.97
CA ARG A 119 15.39 -3.06 21.21
C ARG A 119 16.57 -4.01 20.90
N ASP A 120 16.54 -4.67 19.74
CA ASP A 120 17.66 -5.54 19.31
C ASP A 120 18.94 -4.84 18.91
N LEU A 121 18.77 -3.70 18.25
CA LEU A 121 19.81 -2.80 17.69
C LEU A 121 20.05 -2.91 16.19
N MET B 13 7.72 -19.40 -20.76
CA MET B 13 6.56 -18.46 -20.64
C MET B 13 6.01 -18.25 -22.04
N THR B 14 4.72 -18.51 -22.23
CA THR B 14 4.14 -18.33 -23.55
C THR B 14 3.95 -16.86 -23.81
N PRO B 15 3.76 -16.51 -25.09
CA PRO B 15 3.32 -15.17 -25.42
C PRO B 15 2.15 -14.70 -24.55
N MET B 16 1.13 -15.51 -24.40
CA MET B 16 0.01 -15.21 -23.49
C MET B 16 0.40 -14.78 -22.06
N GLN B 17 1.20 -15.60 -21.37
CA GLN B 17 1.61 -15.29 -20.01
C GLN B 17 2.46 -14.05 -19.93
N GLN B 18 3.28 -13.84 -20.94
CA GLN B 18 4.07 -12.62 -21.06
C GLN B 18 3.13 -11.43 -21.03
N LYS B 19 2.09 -11.45 -21.85
CA LYS B 19 1.10 -10.40 -21.84
C LYS B 19 0.30 -10.27 -20.54
N LEU B 20 -0.09 -11.38 -19.91
CA LEU B 20 -0.72 -11.34 -18.58
C LEU B 20 0.18 -10.60 -17.59
N ASN B 21 1.45 -10.98 -17.55
CA ASN B 21 2.46 -10.31 -16.70
C ASN B 21 2.51 -8.76 -16.99
N GLU B 22 2.48 -8.35 -18.25
CA GLU B 22 2.49 -6.91 -18.61
C GLU B 22 1.27 -6.08 -18.14
N VAL B 23 0.08 -6.67 -18.25
CA VAL B 23 -1.16 -6.08 -17.74
C VAL B 23 -1.04 -5.93 -16.18
N TYR B 24 -0.68 -7.02 -15.52
CA TYR B 24 -0.58 -7.07 -14.07
C TYR B 24 0.42 -6.03 -13.58
N GLU B 25 1.63 -5.99 -14.18
CA GLU B 25 2.68 -5.04 -13.78
C GLU B 25 2.34 -3.58 -14.07
N ALA B 26 1.65 -3.31 -15.19
CA ALA B 26 1.20 -1.96 -15.50
C ALA B 26 0.29 -1.39 -14.41
N VAL B 27 -0.65 -2.22 -13.96
CA VAL B 27 -1.55 -1.81 -12.88
C VAL B 27 -0.80 -1.69 -11.56
N LYS B 28 -0.02 -2.71 -11.21
CA LYS B 28 0.71 -2.70 -9.97
C LYS B 28 1.67 -1.47 -9.86
N ASN B 29 2.39 -1.21 -10.93
CA ASN B 29 3.49 -0.24 -10.86
C ASN B 29 3.14 1.19 -11.17
N TYR B 30 1.90 1.43 -11.62
CA TYR B 30 1.51 2.79 -12.00
C TYR B 30 1.74 3.76 -10.80
N THR B 31 2.39 4.89 -11.06
CA THR B 31 2.54 5.93 -10.06
C THR B 31 2.04 7.26 -10.57
N ASP B 32 1.42 8.04 -9.66
CA ASP B 32 1.01 9.37 -10.04
C ASP B 32 2.20 10.31 -10.05
N LYS B 33 1.93 11.60 -10.31
CA LYS B 33 3.00 12.62 -10.35
C LYS B 33 3.77 12.89 -9.03
N ARG B 34 3.26 12.47 -7.89
CA ARG B 34 3.94 12.63 -6.61
C ARG B 34 4.67 11.35 -6.21
N GLY B 35 4.61 10.36 -7.08
CA GLY B 35 5.24 9.09 -6.83
C GLY B 35 4.43 8.14 -6.00
N ARG B 36 3.12 8.35 -5.84
CA ARG B 36 2.33 7.47 -5.04
C ARG B 36 1.86 6.27 -5.92
N ARG B 37 1.95 5.06 -5.43
CA ARG B 37 1.60 3.86 -6.16
C ARG B 37 0.16 3.60 -5.84
N LEU B 38 -0.72 3.86 -6.80
CA LEU B 38 -2.14 3.76 -6.57
C LEU B 38 -2.61 2.33 -6.24
N SER B 39 -1.86 1.34 -6.63
CA SER B 39 -2.26 -0.04 -6.36
C SER B 39 -2.11 -0.44 -4.90
N ALA B 40 -1.51 0.42 -4.07
CA ALA B 40 -1.07 -0.04 -2.70
C ALA B 40 -2.23 -0.66 -1.90
N ILE B 41 -3.36 0.02 -1.84
CA ILE B 41 -4.52 -0.49 -1.06
C ILE B 41 -5.14 -1.76 -1.65
N PHE B 42 -5.01 -1.97 -2.97
CA PHE B 42 -5.62 -3.10 -3.71
C PHE B 42 -4.82 -4.43 -3.61
N LEU B 43 -3.58 -4.39 -3.09
CA LEU B 43 -2.74 -5.56 -3.10
C LEU B 43 -3.36 -6.72 -2.34
N ARG B 44 -3.82 -6.47 -1.11
CA ARG B 44 -4.37 -7.57 -0.32
C ARG B 44 -5.57 -7.03 0.47
N LEU B 45 -6.73 -7.67 0.32
CA LEU B 45 -7.84 -7.33 1.18
C LEU B 45 -7.55 -7.62 2.64
N PRO B 46 -8.07 -6.78 3.55
CA PRO B 46 -8.11 -7.14 4.94
C PRO B 46 -9.04 -8.34 5.19
N SER B 47 -8.89 -8.93 6.37
CA SER B 47 -9.70 -10.10 6.75
C SER B 47 -11.13 -9.76 6.97
N ARG B 48 -11.94 -10.84 7.02
CA ARG B 48 -13.33 -10.76 7.48
C ARG B 48 -13.47 -10.09 8.87
N SER B 49 -12.60 -10.42 9.81
CA SER B 49 -12.54 -9.65 11.13
C SER B 49 -12.22 -8.16 11.05
N GLU B 50 -11.31 -7.83 10.15
CA GLU B 50 -10.83 -6.48 9.97
C GLU B 50 -11.76 -5.57 9.21
N LEU B 51 -12.45 -6.11 8.19
CA LEU B 51 -13.26 -5.29 7.27
C LEU B 51 -14.60 -6.01 7.02
N PRO B 52 -15.32 -6.30 8.11
CA PRO B 52 -16.51 -7.19 8.03
C PRO B 52 -17.56 -6.68 7.06
N ASP B 53 -17.71 -5.37 7.01
CA ASP B 53 -18.73 -4.76 6.20
C ASP B 53 -18.55 -4.86 4.68
N TYR B 54 -17.29 -4.97 4.23
CA TYR B 54 -16.99 -5.25 2.81
C TYR B 54 -17.57 -6.64 2.41
N TYR B 55 -17.29 -7.64 3.22
CA TYR B 55 -17.70 -9.01 2.88
C TYR B 55 -19.26 -9.16 2.93
N LEU B 56 -19.90 -8.32 3.72
CA LEU B 56 -21.35 -8.30 3.81
C LEU B 56 -21.97 -7.65 2.61
N THR B 57 -21.25 -6.75 1.94
CA THR B 57 -21.85 -6.05 0.80
C THR B 57 -21.43 -6.57 -0.59
N ILE B 58 -20.24 -7.19 -0.68
CA ILE B 58 -19.64 -7.54 -1.95
C ILE B 58 -19.76 -9.01 -2.27
N LYS B 59 -20.37 -9.32 -3.41
CA LYS B 59 -20.66 -10.72 -3.74
C LYS B 59 -19.39 -11.54 -3.92
N LYS B 60 -18.45 -11.03 -4.69
CA LYS B 60 -17.24 -11.78 -5.03
C LYS B 60 -15.99 -10.94 -4.70
N PRO B 61 -15.36 -11.23 -3.55
CA PRO B 61 -14.19 -10.49 -3.11
C PRO B 61 -13.00 -10.68 -4.06
N MET B 62 -12.28 -9.59 -4.31
CA MET B 62 -11.16 -9.62 -5.26
C MET B 62 -10.06 -8.68 -4.78
N ASP B 63 -8.82 -9.20 -4.78
CA ASP B 63 -7.62 -8.39 -4.58
C ASP B 63 -6.55 -8.76 -5.60
N MET B 64 -5.47 -8.02 -5.61
CA MET B 64 -4.43 -8.28 -6.62
C MET B 64 -3.63 -9.55 -6.28
N GLU B 65 -3.57 -9.92 -5.01
CA GLU B 65 -2.88 -11.19 -4.62
C GLU B 65 -3.63 -12.39 -5.27
N LYS B 66 -4.95 -12.32 -5.28
CA LYS B 66 -5.75 -13.36 -5.92
C LYS B 66 -5.51 -13.41 -7.41
N ILE B 67 -5.45 -12.26 -8.03
CA ILE B 67 -5.15 -12.20 -9.46
C ILE B 67 -3.73 -12.73 -9.75
N ARG B 68 -2.77 -12.34 -8.93
CA ARG B 68 -1.39 -12.79 -9.13
C ARG B 68 -1.26 -14.31 -8.94
N SER B 69 -1.88 -14.83 -7.91
CA SER B 69 -1.98 -16.26 -7.67
C SER B 69 -2.64 -17.03 -8.85
N HIS B 70 -3.71 -16.47 -9.42
CA HIS B 70 -4.35 -17.11 -10.61
C HIS B 70 -3.39 -17.11 -11.81
N MET B 71 -2.68 -16.00 -11.97
CA MET B 71 -1.73 -15.88 -13.07
C MET B 71 -0.58 -16.87 -12.84
N MET B 72 -0.04 -16.90 -11.64
CA MET B 72 1.14 -17.78 -11.41
C MET B 72 0.82 -19.30 -11.38
N ALA B 73 -0.47 -19.63 -11.18
CA ALA B 73 -0.94 -21.03 -11.22
C ALA B 73 -1.51 -21.39 -12.59
N ASN B 74 -1.25 -20.54 -13.59
CA ASN B 74 -1.66 -20.79 -14.95
C ASN B 74 -3.19 -20.97 -15.16
N LYS B 75 -4.01 -20.20 -14.44
CA LYS B 75 -5.48 -20.31 -14.49
C LYS B 75 -6.13 -19.49 -15.56
N TYR B 76 -5.47 -18.47 -16.08
CA TYR B 76 -6.14 -17.58 -17.04
C TYR B 76 -6.03 -18.16 -18.46
N GLN B 77 -7.17 -18.35 -19.11
CA GLN B 77 -7.19 -18.87 -20.46
C GLN B 77 -6.91 -17.77 -21.51
N ASP B 78 -7.07 -16.51 -21.12
CA ASP B 78 -7.14 -15.39 -22.06
C ASP B 78 -6.80 -14.08 -21.31
N ILE B 79 -6.38 -13.06 -22.04
CA ILE B 79 -6.04 -11.78 -21.40
C ILE B 79 -7.29 -11.11 -20.80
N ASP B 80 -8.38 -11.15 -21.55
CA ASP B 80 -9.58 -10.46 -21.12
C ASP B 80 -10.15 -11.08 -19.86
N SER B 81 -9.81 -12.34 -19.57
CA SER B 81 -10.20 -12.97 -18.29
C SER B 81 -9.53 -12.26 -17.10
N MET B 82 -8.24 -11.95 -17.25
CA MET B 82 -7.55 -11.22 -16.18
C MET B 82 -8.16 -9.84 -16.11
N VAL B 83 -8.33 -9.20 -17.27
CA VAL B 83 -8.96 -7.89 -17.31
C VAL B 83 -10.29 -7.85 -16.53
N GLU B 84 -11.11 -8.87 -16.71
CA GLU B 84 -12.43 -8.91 -16.02
C GLU B 84 -12.27 -8.99 -14.51
N ASP B 85 -11.26 -9.72 -14.02
CA ASP B 85 -10.99 -9.78 -12.55
C ASP B 85 -10.61 -8.40 -12.00
N PHE B 86 -9.77 -7.67 -12.73
CA PHE B 86 -9.43 -6.27 -12.39
C PHE B 86 -10.66 -5.42 -12.37
N VAL B 87 -11.50 -5.52 -13.44
CA VAL B 87 -12.70 -4.65 -13.51
C VAL B 87 -13.65 -4.93 -12.34
N MET B 88 -13.85 -6.19 -12.03
CA MET B 88 -14.65 -6.54 -10.85
C MET B 88 -14.08 -5.96 -9.55
N MET B 89 -12.77 -6.02 -9.42
CA MET B 89 -12.12 -5.46 -8.21
C MET B 89 -12.43 -3.98 -8.08
N PHE B 90 -12.29 -3.21 -9.19
CA PHE B 90 -12.52 -1.77 -9.25
C PHE B 90 -14.01 -1.43 -9.11
N ASN B 91 -14.85 -2.25 -9.72
CA ASN B 91 -16.29 -2.14 -9.52
C ASN B 91 -16.68 -2.37 -8.05
N ASN B 92 -16.13 -3.42 -7.41
CA ASN B 92 -16.30 -3.64 -5.98
C ASN B 92 -15.89 -2.40 -5.17
N ALA B 93 -14.71 -1.84 -5.46
CA ALA B 93 -14.24 -0.67 -4.72
C ALA B 93 -15.26 0.49 -4.85
N CYS B 94 -15.76 0.67 -6.06
CA CYS B 94 -16.66 1.80 -6.38
C CYS B 94 -18.09 1.56 -5.90
N THR B 95 -18.41 0.30 -5.61
CA THR B 95 -19.70 -0.07 -5.03
C THR B 95 -19.69 0.16 -3.54
N TYR B 96 -18.64 -0.29 -2.87
CA TYR B 96 -18.54 -0.25 -1.44
C TYR B 96 -18.18 1.13 -0.93
N ASN B 97 -17.38 1.89 -1.71
CA ASN B 97 -16.96 3.21 -1.29
C ASN B 97 -17.73 4.35 -1.94
N GLU B 98 -17.66 5.54 -1.34
CA GLU B 98 -18.34 6.72 -1.88
C GLU B 98 -17.58 7.32 -3.06
N PRO B 99 -18.28 8.03 -3.99
CA PRO B 99 -17.58 8.71 -5.11
C PRO B 99 -16.49 9.72 -4.66
N GLU B 100 -16.66 10.30 -3.48
CA GLU B 100 -15.73 11.31 -2.94
C GLU B 100 -14.51 10.70 -2.25
N SER B 101 -14.50 9.40 -2.04
CA SER B 101 -13.40 8.78 -1.31
C SER B 101 -12.19 8.62 -2.23
N LEU B 102 -11.01 8.64 -1.63
CA LEU B 102 -9.79 8.41 -2.43
C LEU B 102 -9.72 7.04 -3.10
N ILE B 103 -10.13 5.96 -2.43
CA ILE B 103 -10.11 4.65 -3.02
C ILE B 103 -10.94 4.57 -4.31
N TYR B 104 -12.08 5.23 -4.34
CA TYR B 104 -12.93 5.27 -5.52
C TYR B 104 -12.21 5.99 -6.69
N LYS B 105 -11.58 7.13 -6.38
CA LYS B 105 -10.88 7.92 -7.40
C LYS B 105 -9.70 7.15 -7.99
N ASP B 106 -8.98 6.49 -7.09
CA ASP B 106 -7.85 5.65 -7.44
C ASP B 106 -8.25 4.46 -8.32
N ALA B 107 -9.38 3.82 -8.02
CA ALA B 107 -9.94 2.72 -8.80
C ALA B 107 -10.28 3.20 -10.20
N LEU B 108 -10.80 4.40 -10.31
CA LEU B 108 -11.12 4.97 -11.64
C LEU B 108 -9.89 5.14 -12.47
N VAL B 109 -8.81 5.69 -11.88
CA VAL B 109 -7.56 5.92 -12.60
C VAL B 109 -6.93 4.60 -12.98
N LEU B 110 -6.90 3.64 -12.04
CA LEU B 110 -6.34 2.33 -12.40
C LEU B 110 -7.15 1.51 -13.40
N HIS B 111 -8.46 1.67 -13.39
CA HIS B 111 -9.30 1.06 -14.43
C HIS B 111 -8.90 1.60 -15.82
N LYS B 112 -8.67 2.90 -15.90
CA LYS B 112 -8.17 3.54 -17.17
C LYS B 112 -6.80 3.02 -17.57
N VAL B 113 -5.85 2.90 -16.61
CA VAL B 113 -4.55 2.27 -16.89
C VAL B 113 -4.67 0.86 -17.43
N LEU B 114 -5.58 0.09 -16.82
CA LEU B 114 -5.86 -1.26 -17.22
C LEU B 114 -6.31 -1.31 -18.70
N LEU B 115 -7.30 -0.53 -19.02
CA LEU B 115 -7.87 -0.57 -20.38
C LEU B 115 -6.92 -0.01 -21.43
N GLU B 116 -6.13 0.98 -21.05
CA GLU B 116 -5.11 1.49 -21.98
C GLU B 116 -4.05 0.41 -22.27
N THR B 117 -3.61 -0.27 -21.21
CA THR B 117 -2.63 -1.34 -21.35
C THR B 117 -3.13 -2.50 -22.18
N ARG B 118 -4.36 -2.90 -21.90
CA ARG B 118 -5.05 -3.89 -22.69
C ARG B 118 -5.01 -3.49 -24.19
N ARG B 119 -5.47 -2.29 -24.51
CA ARG B 119 -5.42 -1.74 -25.88
C ARG B 119 -4.03 -1.88 -26.53
N ASP B 120 -2.98 -1.56 -25.79
CA ASP B 120 -1.62 -1.52 -26.36
C ASP B 120 -1.02 -2.88 -26.73
CAG 64E C . -2.37 8.36 5.97
CAD 64E C . -0.99 8.33 5.75
CAC 64E C . -0.43 7.98 4.51
CAB 64E C . 0.96 7.92 4.29
CAA 64E C . 1.81 8.17 5.36
CAF 64E C . 1.28 8.50 6.61
CAE 64E C . -0.11 8.59 6.81
CAJ 64E C . -0.62 8.95 8.08
OAK 64E C . 0.09 9.23 9.05
OAI 64E C . -1.98 8.99 8.27
CAH 64E C . -2.83 8.66 7.20
NAN 64E C . -4.18 8.68 7.20
NAM 64E C . -4.57 8.37 6.07
CAL 64E C . -3.52 8.18 5.27
CAO 64E C . -3.70 7.78 3.82
CAP 64E C . -5.19 7.68 3.57
CAQ 64E C . -5.46 7.25 2.10
C1 EDO D . 5.27 17.55 -0.29
O1 EDO D . 5.26 16.41 -1.14
C2 EDO D . 3.89 18.20 -0.43
O2 EDO D . 3.85 19.41 0.33
C1 EDO E . 6.59 15.05 -5.43
O1 EDO E . 6.96 13.87 -4.73
C2 EDO E . 5.50 15.77 -4.64
O2 EDO E . 5.16 17.02 -5.23
C1 EDO F . -10.27 14.09 3.82
O1 EDO F . -8.89 14.18 4.08
C2 EDO F . -10.52 13.24 2.62
O2 EDO F . -11.45 13.97 1.84
C1 EDO G . 20.30 -5.11 6.06
O1 EDO G . 19.68 -3.83 6.04
C2 EDO G . 21.65 -5.03 5.35
O2 EDO G . 22.26 -6.31 5.16
S SO4 H . 1.33 4.56 18.07
O1 SO4 H . 1.96 5.78 17.52
O2 SO4 H . 1.60 3.39 17.21
O3 SO4 H . 1.75 4.18 19.44
O4 SO4 H . -0.11 4.87 18.07
CAG 64E I . -10.89 -2.21 -0.33
CAD 64E I . -10.14 -3.07 -1.06
CAC 64E I . -8.87 -3.51 -0.65
CAB 64E I . -8.14 -4.39 -1.45
CAA 64E I . -8.62 -4.86 -2.67
CAF 64E I . -9.87 -4.42 -3.11
CAE 64E I . -10.62 -3.53 -2.32
CAJ 64E I . -11.89 -3.07 -2.76
OAK 64E I . -12.39 -3.42 -3.83
OAI 64E I . -12.61 -2.26 -2.03
CAH 64E I . -12.10 -1.81 -0.82
NAN 64E I . -12.65 -0.97 0.04
NAM 64E I . -11.91 -0.82 1.00
CAL 64E I . -10.80 -1.54 0.84
CAO 64E I . -9.69 -1.52 1.87
CAP 64E I . -10.21 -0.77 3.08
CAQ 64E I . -9.14 -0.76 4.19
C1 EDO J . -9.71 8.59 2.89
O1 EDO J . -8.93 7.79 1.99
C2 EDO J . -11.09 8.83 2.32
O2 EDO J . -10.98 9.60 1.12
#